data_4F8K
#
_entry.id   4F8K
#
_cell.length_a   39.271
_cell.length_b   68.477
_cell.length_c   40.124
_cell.angle_alpha   90.00
_cell.angle_beta   91.75
_cell.angle_gamma   90.00
#
_symmetry.space_group_name_H-M   'P 1 21 1'
#
loop_
_entity.id
_entity.type
_entity.pdbx_description
1 polymer 'Na(+)/H(+) exchange regulatory cofactor NHE-RF3, Prostacyclin receptor'
2 water water
#
_entity_poly.entity_id   1
_entity_poly.type   'polypeptide(L)'
_entity_poly.pdbx_seq_one_letter_code
;GSPRESKLSKQEGQNYGFFLRIEKDTDGHLIRVIEEGSPAEKAGLLDGDRVLRINGVFVDKEEHAQVVELVRKSGNSVTL
LVLDGDSYEKAVKNQVDLKELDIAACSLC
;
_entity_poly.pdbx_strand_id   A,B
#
# COMPACT_ATOMS: atom_id res chain seq x y z
N GLY A 1 -13.03 0.32 0.33
CA GLY A 1 -11.59 0.08 0.16
C GLY A 1 -10.91 1.43 0.25
N SER A 2 -9.60 1.40 0.49
CA SER A 2 -8.81 2.61 0.69
C SER A 2 -8.31 3.11 -0.64
N PRO A 3 -8.06 4.42 -0.74
CA PRO A 3 -7.30 4.87 -1.93
C PRO A 3 -5.87 4.33 -1.84
N ARG A 4 -5.21 4.33 -2.99
CA ARG A 4 -3.86 3.86 -3.15
C ARG A 4 -3.06 4.99 -3.77
N GLU A 5 -1.80 5.08 -3.39
CA GLU A 5 -0.88 6.05 -3.98
C GLU A 5 0.00 5.25 -4.93
N SER A 6 -0.08 5.59 -6.23
CA SER A 6 0.65 4.86 -7.26
C SER A 6 1.73 5.78 -7.81
N LYS A 7 2.97 5.33 -7.75
CA LYS A 7 4.10 6.13 -8.18
C LYS A 7 4.54 5.62 -9.53
N LEU A 8 4.29 6.38 -10.59
CA LEU A 8 4.65 5.94 -11.94
C LEU A 8 5.92 6.62 -12.40
N SER A 9 6.78 5.86 -13.07
CA SER A 9 8.01 6.38 -13.67
CA SER A 9 8.03 6.35 -13.66
C SER A 9 8.09 5.87 -15.10
N LYS A 10 8.53 6.72 -16.02
CA LYS A 10 8.74 6.32 -17.40
C LYS A 10 10.02 6.96 -17.89
N GLN A 11 10.48 6.47 -19.05
CA GLN A 11 11.61 7.00 -19.79
CA GLN A 11 11.60 7.05 -19.75
C GLN A 11 11.13 7.88 -20.92
N GLU A 12 12.01 8.75 -21.41
CA GLU A 12 11.76 9.42 -22.65
C GLU A 12 11.53 8.32 -23.71
N GLY A 13 10.51 8.50 -24.51
CA GLY A 13 10.19 7.56 -25.59
C GLY A 13 9.13 6.56 -25.16
N GLN A 14 8.64 6.73 -23.93
CA GLN A 14 7.58 5.88 -23.39
C GLN A 14 6.36 6.70 -22.97
N ASN A 15 5.24 5.98 -22.81
CA ASN A 15 4.06 6.50 -22.14
C ASN A 15 3.83 5.75 -20.83
N TYR A 16 2.91 6.25 -20.02
CA TYR A 16 2.63 5.60 -18.74
C TYR A 16 1.75 4.36 -18.93
N GLY A 17 0.93 4.37 -19.96
CA GLY A 17 0.18 3.19 -20.39
C GLY A 17 -1.25 3.09 -19.93
N PHE A 18 -1.96 4.21 -19.93
CA PHE A 18 -3.40 4.13 -19.68
C PHE A 18 -4.10 5.30 -20.36
N PHE A 19 -5.40 5.12 -20.57
CA PHE A 19 -6.24 6.23 -20.97
CA PHE A 19 -6.33 6.16 -20.99
C PHE A 19 -6.92 6.84 -19.76
N LEU A 20 -7.07 8.16 -19.82
CA LEU A 20 -7.91 8.92 -18.88
CA LEU A 20 -7.89 8.89 -18.88
C LEU A 20 -9.16 9.28 -19.64
N ARG A 21 -10.33 8.90 -19.10
CA ARG A 21 -11.60 9.15 -19.76
C ARG A 21 -12.61 9.92 -18.91
N ILE A 22 -13.50 10.63 -19.60
CA ILE A 22 -14.82 11.01 -19.05
C ILE A 22 -15.83 10.19 -19.84
N GLU A 23 -16.66 9.47 -19.11
CA GLU A 23 -17.70 8.66 -19.71
C GLU A 23 -19.08 9.24 -19.37
N LYS A 24 -20.00 9.16 -20.34
CA LYS A 24 -21.40 9.60 -20.14
C LYS A 24 -22.01 9.09 -18.85
N ASP A 25 -22.59 10.00 -18.08
CA ASP A 25 -23.34 9.69 -16.85
C ASP A 25 -22.53 8.87 -15.88
N THR A 26 -21.22 9.09 -15.89
CA THR A 26 -20.33 8.38 -14.99
C THR A 26 -19.46 9.41 -14.28
N ASP A 27 -19.38 9.32 -12.97
CA ASP A 27 -18.59 10.28 -12.20
C ASP A 27 -17.12 9.96 -12.17
N GLY A 28 -16.29 10.99 -12.30
CA GLY A 28 -14.87 10.85 -12.02
C GLY A 28 -13.97 10.74 -13.25
N HIS A 29 -12.68 10.96 -13.03
CA HIS A 29 -11.67 10.80 -14.07
C HIS A 29 -11.23 9.37 -14.09
N LEU A 30 -11.67 8.66 -15.12
CA LEU A 30 -11.55 7.20 -15.18
C LEU A 30 -10.25 6.75 -15.81
N ILE A 31 -9.59 5.80 -15.17
CA ILE A 31 -8.49 5.03 -15.77
C ILE A 31 -9.04 3.85 -16.54
N ARG A 32 -8.68 3.77 -17.81
CA ARG A 32 -9.07 2.69 -18.68
C ARG A 32 -7.90 2.14 -19.52
N VAL A 33 -8.04 0.88 -19.89
CA VAL A 33 -7.11 0.18 -20.80
C VAL A 33 -5.65 0.31 -20.37
N ILE A 34 -5.33 -0.38 -19.29
CA ILE A 34 -3.96 -0.45 -18.78
C ILE A 34 -3.14 -1.31 -19.74
N GLU A 35 -2.08 -0.72 -20.30
CA GLU A 35 -1.28 -1.41 -21.30
C GLU A 35 -0.36 -2.41 -20.65
N GLU A 36 -0.27 -3.61 -21.24
CA GLU A 36 0.62 -4.64 -20.72
C GLU A 36 2.09 -4.20 -20.66
N GLY A 37 2.75 -4.46 -19.52
CA GLY A 37 4.14 -4.14 -19.35
C GLY A 37 4.41 -2.71 -19.05
N SER A 38 3.36 -1.91 -18.87
CA SER A 38 3.53 -0.47 -18.75
C SER A 38 3.89 -0.02 -17.36
N PRO A 39 4.40 1.22 -17.23
CA PRO A 39 4.51 1.79 -15.90
C PRO A 39 3.21 1.74 -15.08
N ALA A 40 2.07 2.03 -15.71
CA ALA A 40 0.79 1.99 -15.01
C ALA A 40 0.53 0.64 -14.45
N GLU A 41 0.78 -0.40 -15.23
CA GLU A 41 0.57 -1.78 -14.78
C GLU A 41 1.45 -2.10 -13.57
N LYS A 42 2.72 -1.72 -13.67
CA LYS A 42 3.72 -1.97 -12.63
C LYS A 42 3.39 -1.23 -11.34
N ALA A 43 2.71 -0.10 -11.46
CA ALA A 43 2.43 0.77 -10.33
C ALA A 43 1.11 0.43 -9.63
N GLY A 44 0.39 -0.56 -10.14
CA GLY A 44 -0.85 -1.05 -9.51
C GLY A 44 -2.17 -0.38 -9.95
N LEU A 45 -2.14 0.39 -11.02
CA LEU A 45 -3.43 0.93 -11.57
C LEU A 45 -4.38 -0.15 -12.12
N LEU A 46 -5.68 0.11 -11.96
CA LEU A 46 -6.74 -0.84 -12.28
C LEU A 46 -7.77 -0.13 -13.17
N ASP A 47 -8.29 -0.88 -14.14
CA ASP A 47 -9.40 -0.39 -14.94
C ASP A 47 -10.51 0.02 -13.99
N GLY A 48 -11.11 1.17 -14.24
CA GLY A 48 -12.20 1.68 -13.39
C GLY A 48 -11.76 2.55 -12.20
N ASP A 49 -10.46 2.61 -11.92
CA ASP A 49 -9.95 3.51 -10.86
C ASP A 49 -10.30 4.95 -11.25
N ARG A 50 -10.60 5.77 -10.25
CA ARG A 50 -10.69 7.21 -10.42
C ARG A 50 -9.45 7.89 -9.88
N VAL A 51 -8.98 8.91 -10.61
CA VAL A 51 -7.89 9.74 -10.12
C VAL A 51 -8.42 10.83 -9.22
N LEU A 52 -8.00 10.82 -7.97
CA LEU A 52 -8.36 11.87 -7.00
C LEU A 52 -7.31 13.00 -6.96
N ARG A 53 -6.03 12.64 -6.95
CA ARG A 53 -4.93 13.65 -6.88
C ARG A 53 -3.80 13.26 -7.82
N ILE A 54 -3.17 14.29 -8.36
CA ILE A 54 -1.99 14.18 -9.20
C ILE A 54 -0.94 15.03 -8.52
N ASN A 55 0.13 14.39 -8.03
CA ASN A 55 1.18 15.08 -7.27
C ASN A 55 0.60 15.98 -6.18
N GLY A 56 -0.37 15.43 -5.47
CA GLY A 56 -1.01 16.13 -4.38
C GLY A 56 -2.12 17.09 -4.75
N VAL A 57 -2.30 17.38 -6.04
CA VAL A 57 -3.28 18.36 -6.51
C VAL A 57 -4.62 17.63 -6.64
N PHE A 58 -5.63 18.14 -5.94
CA PHE A 58 -6.97 17.54 -6.01
C PHE A 58 -7.65 17.84 -7.33
N VAL A 59 -7.93 16.79 -8.11
CA VAL A 59 -8.46 16.94 -9.48
C VAL A 59 -9.87 16.40 -9.72
N ASP A 60 -10.49 15.80 -8.73
CA ASP A 60 -11.82 15.19 -8.95
C ASP A 60 -12.86 16.11 -9.62
N LYS A 61 -12.81 17.41 -9.30
CA LYS A 61 -13.74 18.36 -9.88
C LYS A 61 -13.19 19.18 -11.05
N GLU A 62 -11.97 18.89 -11.50
CA GLU A 62 -11.36 19.65 -12.60
C GLU A 62 -11.86 19.09 -13.91
N GLU A 63 -11.75 19.87 -14.97
CA GLU A 63 -12.14 19.38 -16.26
C GLU A 63 -11.08 18.40 -16.76
N HIS A 64 -11.52 17.46 -17.58
CA HIS A 64 -10.61 16.51 -18.25
C HIS A 64 -9.34 17.12 -18.80
N ALA A 65 -9.42 18.15 -19.62
CA ALA A 65 -8.23 18.81 -20.20
C ALA A 65 -7.20 19.29 -19.16
N GLN A 66 -7.66 19.76 -18.02
CA GLN A 66 -6.78 20.25 -16.97
C GLN A 66 -6.10 19.10 -16.23
N VAL A 67 -6.81 17.99 -16.06
CA VAL A 67 -6.24 16.78 -15.50
C VAL A 67 -5.14 16.21 -16.45
N VAL A 68 -5.42 16.15 -17.75
CA VAL A 68 -4.44 15.66 -18.72
C VAL A 68 -3.22 16.61 -18.72
N GLU A 69 -3.45 17.91 -18.65
CA GLU A 69 -2.34 18.87 -18.62
C GLU A 69 -1.48 18.67 -17.38
N LEU A 70 -2.07 18.38 -16.23
CA LEU A 70 -1.24 18.12 -15.04
C LEU A 70 -0.38 16.89 -15.20
N VAL A 71 -0.89 15.85 -15.85
CA VAL A 71 -0.07 14.70 -16.17
C VAL A 71 1.09 15.12 -17.07
N ARG A 72 0.82 15.87 -18.11
CA ARG A 72 1.89 16.31 -19.02
C ARG A 72 2.94 17.15 -18.29
N LYS A 73 2.49 18.07 -17.43
CA LYS A 73 3.39 18.96 -16.70
C LYS A 73 4.26 18.24 -15.63
N SER A 74 3.89 17.00 -15.30
CA SER A 74 4.60 16.19 -14.35
CA SER A 74 4.62 16.21 -14.33
C SER A 74 5.83 15.52 -14.94
N GLY A 75 5.90 15.48 -16.27
CA GLY A 75 7.11 14.97 -16.90
C GLY A 75 7.18 13.44 -16.84
N ASN A 76 8.36 12.92 -16.46
CA ASN A 76 8.61 11.46 -16.47
C ASN A 76 8.35 10.71 -15.16
N SER A 77 7.83 11.39 -14.16
CA SER A 77 7.29 10.68 -13.00
CA SER A 77 7.36 10.74 -12.93
C SER A 77 6.07 11.43 -12.49
N VAL A 78 5.16 10.66 -11.89
CA VAL A 78 3.94 11.24 -11.39
C VAL A 78 3.41 10.35 -10.27
N THR A 79 2.88 10.98 -9.22
CA THR A 79 2.25 10.25 -8.14
C THR A 79 0.76 10.45 -8.23
N LEU A 80 0.02 9.35 -8.38
CA LEU A 80 -1.44 9.45 -8.46
C LEU A 80 -2.05 8.89 -7.19
N LEU A 81 -3.01 9.61 -6.61
CA LEU A 81 -3.89 9.04 -5.57
C LEU A 81 -5.16 8.57 -6.32
N VAL A 82 -5.40 7.26 -6.30
CA VAL A 82 -6.55 6.65 -7.02
C VAL A 82 -7.45 5.88 -6.06
N LEU A 83 -8.70 5.71 -6.47
CA LEU A 83 -9.66 4.98 -5.70
C LEU A 83 -10.36 4.05 -6.63
N ASP A 84 -10.41 2.79 -6.24
CA ASP A 84 -11.12 1.81 -7.11
C ASP A 84 -12.58 2.17 -7.39
N GLY A 85 -13.07 1.70 -8.53
CA GLY A 85 -14.33 2.13 -9.05
C GLY A 85 -15.47 1.88 -8.06
N ASP A 86 -15.51 0.68 -7.47
CA ASP A 86 -16.58 0.37 -6.50
C ASP A 86 -16.57 1.27 -5.26
N SER A 87 -15.38 1.46 -4.67
CA SER A 87 -15.20 2.34 -3.52
C SER A 87 -15.53 3.80 -3.84
N TYR A 88 -15.17 4.25 -5.04
CA TYR A 88 -15.44 5.63 -5.47
C TYR A 88 -16.95 5.86 -5.59
N GLU A 89 -17.62 4.96 -6.28
CA GLU A 89 -19.05 5.10 -6.52
C GLU A 89 -19.82 5.02 -5.18
N LYS A 90 -19.35 4.19 -4.25
CA LYS A 90 -19.96 4.11 -2.89
C LYS A 90 -19.76 5.41 -2.12
N ALA A 91 -18.55 5.94 -2.22
CA ALA A 91 -18.21 7.20 -1.57
C ALA A 91 -19.09 8.34 -2.07
N VAL A 92 -19.29 8.43 -3.38
CA VAL A 92 -20.13 9.49 -3.94
C VAL A 92 -21.57 9.25 -3.44
N LYS A 93 -22.03 8.01 -3.53
CA LYS A 93 -23.38 7.67 -3.02
C LYS A 93 -23.57 8.12 -1.57
N ASN A 94 -22.59 7.84 -0.73
CA ASN A 94 -22.63 8.15 0.69
C ASN A 94 -22.23 9.58 1.06
N GLN A 95 -21.99 10.40 0.06
CA GLN A 95 -21.61 11.80 0.31
C GLN A 95 -20.32 11.92 1.14
N VAL A 96 -19.36 11.04 0.86
CA VAL A 96 -18.03 11.12 1.45
CA VAL A 96 -18.03 11.12 1.46
C VAL A 96 -17.28 12.29 0.82
N ASP A 97 -16.62 13.10 1.64
CA ASP A 97 -15.73 14.17 1.12
C ASP A 97 -14.44 13.55 0.58
N LEU A 98 -14.37 13.48 -0.76
CA LEU A 98 -13.23 12.87 -1.44
C LEU A 98 -11.89 13.60 -1.18
N LYS A 99 -11.96 14.88 -0.85
CA LYS A 99 -10.76 15.69 -0.59
C LYS A 99 -10.06 15.26 0.66
N GLU A 100 -10.82 14.66 1.57
CA GLU A 100 -10.21 14.25 2.83
C GLU A 100 -9.61 12.87 2.79
N LEU A 101 -9.78 12.13 1.67
CA LEU A 101 -9.27 10.78 1.59
C LEU A 101 -7.75 10.78 1.46
N ASP A 102 -7.08 10.00 2.30
CA ASP A 102 -5.63 9.92 2.29
C ASP A 102 -5.20 8.48 2.57
N ILE A 103 -3.99 8.12 2.19
CA ILE A 103 -3.55 6.75 2.39
C ILE A 103 -3.02 6.48 3.82
N ALA A 104 -2.74 7.52 4.59
CA ALA A 104 -2.11 7.33 5.91
C ALA A 104 -3.01 6.50 6.79
N ALA A 105 -2.47 5.44 7.41
CA ALA A 105 -3.28 4.58 8.29
C ALA A 105 -2.39 4.21 9.44
N CYS A 106 -3.00 4.01 10.61
CA CYS A 106 -2.25 3.70 11.81
C CYS A 106 -3.18 3.08 12.81
N SER A 107 -2.86 1.87 13.26
CA SER A 107 -3.64 1.13 14.28
C SER A 107 -2.74 0.48 15.28
N LEU A 108 -3.12 0.56 16.55
CA LEU A 108 -2.37 -0.10 17.62
C LEU A 108 -2.76 -1.56 17.78
N CYS A 109 -1.73 -2.42 17.87
CA CYS A 109 -1.91 -3.84 18.11
C CYS A 109 -1.26 -4.30 19.43
N GLY B 1 19.32 -8.74 5.39
CA GLY B 1 18.98 -9.74 4.37
C GLY B 1 17.72 -10.54 4.66
N SER B 2 17.74 -11.37 5.70
CA SER B 2 16.80 -12.49 5.85
C SER B 2 15.46 -12.10 6.54
N PRO B 3 14.36 -12.76 6.17
CA PRO B 3 13.16 -12.50 6.98
C PRO B 3 13.29 -13.15 8.36
N ARG B 4 12.43 -12.75 9.27
CA ARG B 4 12.54 -13.20 10.67
C ARG B 4 11.14 -13.57 11.11
N GLU B 5 11.05 -14.59 11.95
CA GLU B 5 9.76 -15.04 12.48
C GLU B 5 9.69 -14.57 13.91
N SER B 6 8.65 -13.80 14.22
CA SER B 6 8.43 -13.33 15.59
C SER B 6 7.17 -13.96 16.14
N LYS B 7 7.29 -14.73 17.21
CA LYS B 7 6.14 -15.40 17.83
C LYS B 7 5.78 -14.59 19.06
N LEU B 8 4.73 -13.79 18.92
CA LEU B 8 4.28 -12.93 19.96
C LEU B 8 3.30 -13.61 20.88
N SER B 9 3.42 -13.27 22.16
CA SER B 9 2.53 -13.75 23.21
CA SER B 9 2.45 -13.72 23.16
C SER B 9 2.21 -12.61 24.17
N LYS B 10 0.95 -12.48 24.58
CA LYS B 10 0.55 -11.41 25.51
C LYS B 10 -0.51 -11.97 26.44
N GLN B 11 -0.76 -11.22 27.51
CA GLN B 11 -1.86 -11.55 28.39
C GLN B 11 -3.17 -10.94 27.91
N GLU B 12 -4.25 -11.61 28.23
CA GLU B 12 -5.60 -11.13 27.92
C GLU B 12 -5.81 -9.68 28.34
N GLY B 13 -6.34 -8.86 27.43
CA GLY B 13 -6.58 -7.46 27.75
C GLY B 13 -5.39 -6.54 27.54
N GLN B 14 -4.19 -7.11 27.31
CA GLN B 14 -2.91 -6.41 26.94
CA GLN B 14 -3.06 -6.26 26.95
C GLN B 14 -2.91 -6.13 25.43
N ASN B 15 -2.04 -5.19 25.01
CA ASN B 15 -1.70 -5.02 23.61
C ASN B 15 -0.35 -5.65 23.37
N TYR B 16 -0.07 -5.98 22.12
CA TYR B 16 1.26 -6.47 21.82
C TYR B 16 2.32 -5.36 21.93
N GLY B 17 1.90 -4.13 21.72
CA GLY B 17 2.78 -2.98 21.88
C GLY B 17 3.50 -2.55 20.62
N PHE B 18 2.76 -2.56 19.49
CA PHE B 18 3.28 -1.99 18.25
C PHE B 18 2.12 -1.43 17.41
N PHE B 19 2.44 -0.48 16.54
CA PHE B 19 1.47 0.03 15.57
C PHE B 19 1.76 -0.55 14.20
N LEU B 20 0.72 -0.74 13.41
CA LEU B 20 0.83 -1.03 11.98
C LEU B 20 0.43 0.24 11.27
N ARG B 21 1.26 0.65 10.31
CA ARG B 21 1.01 1.86 9.57
C ARG B 21 1.07 1.64 8.06
N ILE B 22 0.36 2.51 7.34
CA ILE B 22 0.56 2.77 5.92
C ILE B 22 1.05 4.24 5.84
N GLU B 23 2.16 4.46 5.15
CA GLU B 23 2.80 5.77 5.09
C GLU B 23 3.01 6.18 3.62
N LYS B 24 2.93 7.47 3.37
CA LYS B 24 3.23 8.05 2.05
C LYS B 24 4.64 7.68 1.60
N ASP B 25 4.80 7.44 0.29
CA ASP B 25 6.08 7.16 -0.34
C ASP B 25 6.76 5.94 0.29
N THR B 26 5.96 4.95 0.69
CA THR B 26 6.44 3.78 1.35
CA THR B 26 6.45 3.77 1.35
C THR B 26 5.61 2.59 0.90
N ASP B 27 6.24 1.43 0.78
CA ASP B 27 5.50 0.22 0.44
C ASP B 27 5.41 -0.68 1.67
N GLY B 28 4.31 -1.41 1.77
CA GLY B 28 4.14 -2.50 2.76
C GLY B 28 3.43 -2.06 4.03
N HIS B 29 3.23 -3.01 4.93
CA HIS B 29 2.63 -2.81 6.21
C HIS B 29 3.70 -2.67 7.25
N LEU B 30 3.88 -1.42 7.68
CA LEU B 30 5.00 -1.02 8.51
CA LEU B 30 5.00 -1.04 8.52
C LEU B 30 4.72 -1.18 10.01
N ILE B 31 5.65 -1.80 10.73
CA ILE B 31 5.65 -1.87 12.15
C ILE B 31 6.35 -0.61 12.66
N ARG B 32 5.68 0.13 13.56
CA ARG B 32 6.25 1.36 14.13
C ARG B 32 5.94 1.49 15.59
N VAL B 33 6.75 2.29 16.29
CA VAL B 33 6.56 2.66 17.71
C VAL B 33 6.40 1.45 18.62
N ILE B 34 7.46 0.65 18.65
CA ILE B 34 7.49 -0.57 19.42
C ILE B 34 7.68 -0.15 20.86
N GLU B 35 6.82 -0.63 21.71
CA GLU B 35 6.86 -0.21 23.10
C GLU B 35 7.98 -0.95 23.84
N GLU B 36 8.80 -0.18 24.54
CA GLU B 36 9.82 -0.74 25.42
C GLU B 36 9.25 -1.78 26.40
N GLY B 37 9.88 -2.94 26.43
CA GLY B 37 9.44 -4.03 27.30
C GLY B 37 8.18 -4.76 26.90
N SER B 38 7.73 -4.57 25.67
CA SER B 38 6.44 -5.10 25.26
C SER B 38 6.58 -6.51 24.73
N PRO B 39 5.44 -7.23 24.60
CA PRO B 39 5.49 -8.48 23.82
C PRO B 39 6.16 -8.27 22.44
N ALA B 40 5.87 -7.16 21.77
CA ALA B 40 6.44 -6.87 20.45
C ALA B 40 8.00 -6.86 20.51
N GLU B 41 8.53 -6.12 21.46
CA GLU B 41 9.99 -5.98 21.58
C GLU B 41 10.61 -7.33 21.96
N LYS B 42 9.97 -8.06 22.88
CA LYS B 42 10.50 -9.36 23.33
C LYS B 42 10.59 -10.35 22.23
N ALA B 43 9.66 -10.25 21.27
CA ALA B 43 9.55 -11.18 20.14
C ALA B 43 10.49 -10.81 18.99
N GLY B 44 11.20 -9.67 19.10
CA GLY B 44 12.25 -9.31 18.15
C GLY B 44 11.78 -8.33 17.07
N LEU B 45 10.59 -7.74 17.23
CA LEU B 45 10.12 -6.75 16.20
C LEU B 45 10.95 -5.47 16.27
N LEU B 46 11.24 -4.91 15.11
CA LEU B 46 12.01 -3.69 14.99
C LEU B 46 11.26 -2.62 14.18
N ASP B 47 11.47 -1.37 14.57
CA ASP B 47 10.91 -0.26 13.81
C ASP B 47 11.24 -0.34 12.34
N GLY B 48 10.23 -0.19 11.50
CA GLY B 48 10.39 -0.22 10.07
C GLY B 48 10.32 -1.61 9.44
N ASP B 49 10.17 -2.65 10.25
CA ASP B 49 9.84 -3.98 9.70
C ASP B 49 8.56 -3.91 8.84
N ARG B 50 8.51 -4.72 7.80
CA ARG B 50 7.25 -4.95 7.09
C ARG B 50 6.71 -6.32 7.43
N VAL B 51 5.39 -6.40 7.59
CA VAL B 51 4.77 -7.68 7.79
C VAL B 51 4.52 -8.39 6.46
N LEU B 52 5.10 -9.58 6.32
CA LEU B 52 4.88 -10.40 5.14
C LEU B 52 3.76 -11.40 5.34
N ARG B 53 3.73 -12.04 6.49
CA ARG B 53 2.72 -13.07 6.78
C ARG B 53 2.26 -12.96 8.23
N ILE B 54 1.00 -13.37 8.45
CA ILE B 54 0.38 -13.43 9.74
C ILE B 54 -0.16 -14.85 9.87
N ASN B 55 0.36 -15.57 10.84
CA ASN B 55 0.00 -16.97 11.03
C ASN B 55 0.05 -17.77 9.73
N GLY B 56 1.05 -17.46 8.90
CA GLY B 56 1.23 -18.17 7.62
C GLY B 56 0.54 -17.63 6.38
N VAL B 57 -0.32 -16.64 6.57
CA VAL B 57 -1.14 -16.04 5.51
C VAL B 57 -0.38 -14.82 4.97
N PHE B 58 -0.18 -14.80 3.65
CA PHE B 58 0.56 -13.70 3.01
C PHE B 58 -0.34 -12.46 2.93
N VAL B 59 0.16 -11.34 3.45
CA VAL B 59 -0.61 -10.10 3.60
C VAL B 59 -0.03 -8.79 3.01
N ASP B 60 1.12 -8.85 2.34
CA ASP B 60 1.79 -7.63 1.87
C ASP B 60 0.87 -6.71 1.07
N LYS B 61 -0.01 -7.30 0.25
CA LYS B 61 -0.94 -6.50 -0.61
C LYS B 61 -2.33 -6.22 -0.04
N GLU B 62 -2.60 -6.77 1.13
CA GLU B 62 -3.92 -6.63 1.77
C GLU B 62 -4.13 -5.21 2.30
N GLU B 63 -5.39 -4.84 2.48
CA GLU B 63 -5.76 -3.54 3.03
C GLU B 63 -5.34 -3.51 4.48
N HIS B 64 -4.99 -2.32 4.94
CA HIS B 64 -4.64 -2.14 6.36
C HIS B 64 -5.68 -2.71 7.29
N ALA B 65 -6.97 -2.42 7.04
CA ALA B 65 -8.03 -2.89 7.95
C ALA B 65 -8.02 -4.40 8.09
N GLN B 66 -7.75 -5.13 7.02
N GLN B 66 -7.75 -5.10 6.99
CA GLN B 66 -7.76 -6.58 7.09
CA GLN B 66 -7.75 -6.55 6.97
C GLN B 66 -6.50 -7.13 7.78
C GLN B 66 -6.52 -7.12 7.71
N VAL B 67 -5.36 -6.49 7.55
CA VAL B 67 -4.14 -6.91 8.27
C VAL B 67 -4.33 -6.72 9.79
N VAL B 68 -4.88 -5.56 10.18
CA VAL B 68 -5.09 -5.30 11.59
C VAL B 68 -6.07 -6.30 12.23
N GLU B 69 -7.16 -6.62 11.52
CA GLU B 69 -8.14 -7.56 12.06
CA GLU B 69 -8.18 -7.61 11.94
C GLU B 69 -7.54 -8.97 12.16
N LEU B 70 -6.71 -9.39 11.19
CA LEU B 70 -6.01 -10.67 11.32
C LEU B 70 -5.20 -10.72 12.63
N VAL B 71 -4.46 -9.66 12.94
CA VAL B 71 -3.72 -9.63 14.20
C VAL B 71 -4.70 -9.64 15.41
N ARG B 72 -5.74 -8.82 15.35
CA ARG B 72 -6.58 -8.64 16.53
C ARG B 72 -7.35 -9.91 16.84
N LYS B 73 -7.84 -10.58 15.82
CA LYS B 73 -8.62 -11.80 15.96
C LYS B 73 -7.73 -13.01 16.25
N SER B 74 -6.42 -12.86 16.17
CA SER B 74 -5.51 -13.97 16.48
C SER B 74 -5.53 -14.26 17.98
N GLY B 75 -6.00 -13.32 18.80
CA GLY B 75 -6.13 -13.58 20.22
C GLY B 75 -4.88 -13.17 20.94
N ASN B 76 -4.38 -14.01 21.82
CA ASN B 76 -3.26 -13.58 22.64
C ASN B 76 -1.92 -14.10 22.18
N SER B 77 -1.90 -14.76 21.03
CA SER B 77 -0.62 -15.07 20.37
C SER B 77 -0.81 -14.95 18.88
N VAL B 78 0.28 -14.61 18.19
CA VAL B 78 0.29 -14.42 16.76
C VAL B 78 1.72 -14.63 16.27
N THR B 79 1.86 -15.23 15.09
CA THR B 79 3.16 -15.43 14.51
C THR B 79 3.29 -14.52 13.28
N LEU B 80 4.31 -13.68 13.26
CA LEU B 80 4.54 -12.76 12.18
C LEU B 80 5.83 -13.11 11.50
N LEU B 81 5.80 -13.19 10.16
CA LEU B 81 7.02 -13.24 9.38
C LEU B 81 7.23 -11.83 8.88
N VAL B 82 8.39 -11.24 9.24
CA VAL B 82 8.68 -9.84 8.95
C VAL B 82 10.00 -9.73 8.20
N LEU B 83 10.20 -8.60 7.54
CA LEU B 83 11.44 -8.30 6.82
C LEU B 83 11.81 -6.89 7.22
N ASP B 84 13.05 -6.70 7.68
CA ASP B 84 13.52 -5.35 8.07
C ASP B 84 13.40 -4.37 6.90
N GLY B 85 13.19 -3.09 7.21
CA GLY B 85 12.88 -2.10 6.17
C GLY B 85 13.86 -2.03 5.04
N ASP B 86 15.17 -1.99 5.37
CA ASP B 86 16.22 -1.90 4.34
C ASP B 86 16.17 -3.11 3.39
N SER B 87 16.08 -4.30 3.96
CA SER B 87 15.97 -5.52 3.18
C SER B 87 14.70 -5.56 2.34
N TYR B 88 13.59 -5.06 2.89
CA TYR B 88 12.34 -5.00 2.17
C TYR B 88 12.39 -4.04 1.00
N GLU B 89 12.96 -2.86 1.23
CA GLU B 89 13.02 -1.88 0.16
C GLU B 89 13.92 -2.45 -0.94
N LYS B 90 15.02 -3.10 -0.60
CA LYS B 90 15.90 -3.70 -1.64
C LYS B 90 15.18 -4.82 -2.39
N ALA B 91 14.42 -5.61 -1.64
CA ALA B 91 13.68 -6.69 -2.24
C ALA B 91 12.70 -6.17 -3.29
N VAL B 92 11.98 -5.09 -2.97
CA VAL B 92 11.01 -4.55 -3.90
C VAL B 92 11.70 -3.98 -5.15
N LYS B 93 12.80 -3.26 -4.91
CA LYS B 93 13.63 -2.72 -6.00
C LYS B 93 14.14 -3.82 -6.94
N ASN B 94 14.56 -4.94 -6.36
CA ASN B 94 15.04 -6.07 -7.13
C ASN B 94 13.96 -7.05 -7.58
N GLN B 95 12.68 -6.68 -7.46
CA GLN B 95 11.58 -7.51 -7.96
C GLN B 95 11.53 -8.93 -7.37
N VAL B 96 11.92 -9.09 -6.11
CA VAL B 96 11.84 -10.44 -5.51
CA VAL B 96 11.85 -10.40 -5.44
C VAL B 96 10.39 -10.80 -5.20
N ASP B 97 10.07 -12.08 -5.34
CA ASP B 97 8.71 -12.54 -5.01
C ASP B 97 8.68 -12.71 -3.51
N LEU B 98 8.01 -11.76 -2.85
CA LEU B 98 8.00 -11.79 -1.39
C LEU B 98 7.23 -13.00 -0.86
N LYS B 99 6.29 -13.53 -1.64
CA LYS B 99 5.49 -14.69 -1.24
C LYS B 99 6.35 -15.92 -1.00
N GLU B 100 7.51 -15.97 -1.62
CA GLU B 100 8.41 -17.12 -1.48
C GLU B 100 9.38 -17.07 -0.30
N LEU B 101 9.50 -15.92 0.36
CA LEU B 101 10.44 -15.81 1.47
C LEU B 101 9.98 -16.60 2.69
N ASP B 102 10.91 -17.28 3.33
CA ASP B 102 10.58 -18.02 4.55
C ASP B 102 11.79 -18.13 5.48
N ILE B 103 11.56 -18.63 6.70
CA ILE B 103 12.58 -18.62 7.79
C ILE B 103 13.53 -19.82 7.67
N ALA B 104 13.14 -20.88 6.98
CA ALA B 104 14.05 -22.03 6.79
C ALA B 104 15.43 -21.65 6.25
N ALA B 105 16.48 -22.23 6.84
CA ALA B 105 17.83 -21.90 6.45
C ALA B 105 18.71 -23.10 6.78
N CYS B 106 19.80 -23.21 6.03
CA CYS B 106 20.81 -24.23 6.24
C CYS B 106 22.15 -23.65 5.83
N SER B 107 23.15 -23.70 6.71
CA SER B 107 24.50 -23.30 6.40
C SER B 107 25.45 -24.43 6.87
N LEU B 108 26.55 -24.60 6.15
CA LEU B 108 27.56 -25.57 6.50
C LEU B 108 28.59 -24.95 7.39
N CYS B 109 28.91 -25.67 8.46
CA CYS B 109 30.04 -25.33 9.32
C CYS B 109 31.19 -26.35 9.24
#